data_4P5E
#
_entry.id   4P5E
#
_cell.length_a   48.974
_cell.length_b   52.284
_cell.length_c   54.454
_cell.angle_alpha   90.00
_cell.angle_beta   104.77
_cell.angle_gamma   90.00
#
_symmetry.space_group_name_H-M   'P 1 21 1'
#
loop_
_entity.id
_entity.type
_entity.pdbx_description
1 polymer "2'-deoxynucleoside 5'-phosphate N-hydrolase 1"
2 non-polymer 6-(naphthalen-2-yl)-9-(5-O-phosphono-beta-D-ribofuranosyl)-9H-purine
3 non-polymer 'CALCIUM ION'
4 water water
#
_entity_poly.entity_id   1
_entity_poly.type   'polypeptide(L)'
_entity_poly.pdbx_seq_one_letter_code
;MRPALYFCGSIRGGREDRTLYERIVSRLRRFGTVLTEHVAAAELGARGEEAAGGDRLIHEQDLEWLQQADVVVAEVTQPS
LGVGYELGRAVAFNKRILCLFRPQSGRVLSAMIRGAADGSRFQVWDYEEGEVEALLDRYFEADPLEHHHHHH
;
_entity_poly.pdbx_strand_id   A,B
#
loop_
_chem_comp.id
_chem_comp.type
_chem_comp.name
_chem_comp.formula
CA non-polymer 'CALCIUM ION' 'Ca 2'
N6P non-polymer 6-(naphthalen-2-yl)-9-(5-O-phosphono-beta-D-ribofuranosyl)-9H-purine 'C20 H19 N4 O7 P'
#
# COMPACT_ATOMS: atom_id res chain seq x y z
N ARG A 2 13.82 -0.34 20.93
CA ARG A 2 13.58 -0.60 19.52
C ARG A 2 12.35 -1.52 19.38
N PRO A 3 11.51 -1.25 18.36
CA PRO A 3 10.32 -2.08 18.16
C PRO A 3 10.70 -3.49 17.71
N ALA A 4 9.79 -4.44 17.92
CA ALA A 4 10.04 -5.82 17.52
C ALA A 4 9.07 -6.25 16.43
N LEU A 5 9.58 -7.01 15.47
CA LEU A 5 8.78 -7.50 14.34
C LEU A 5 8.80 -9.02 14.29
N TYR A 6 7.63 -9.60 14.03
CA TYR A 6 7.47 -11.05 13.88
C TYR A 6 7.17 -11.33 12.41
N PHE A 7 8.03 -12.09 11.75
CA PHE A 7 7.80 -12.46 10.36
C PHE A 7 7.37 -13.92 10.24
N CYS A 8 6.33 -14.16 9.45
CA CYS A 8 5.79 -15.49 9.20
C CYS A 8 5.95 -15.89 7.74
N GLY A 9 6.40 -17.13 7.51
CA GLY A 9 6.48 -17.68 6.16
C GLY A 9 6.55 -19.19 6.24
N SER A 10 6.06 -19.85 5.19
CA SER A 10 5.99 -21.32 5.14
C SER A 10 7.34 -21.99 5.34
N ILE A 11 7.35 -23.06 6.14
CA ILE A 11 8.51 -23.93 6.28
C ILE A 11 8.08 -25.34 5.87
N ARG A 12 7.34 -26.07 6.72
CA ARG A 12 6.88 -27.40 6.33
C ARG A 12 5.72 -27.34 5.34
N GLY A 13 5.12 -26.18 5.15
CA GLY A 13 4.19 -26.01 4.03
C GLY A 13 4.90 -25.99 2.68
N GLY A 14 6.22 -25.85 2.71
CA GLY A 14 7.04 -25.78 1.52
C GLY A 14 7.94 -24.55 1.58
N ARG A 15 9.18 -24.69 1.12
CA ARG A 15 10.13 -23.58 1.23
C ARG A 15 10.47 -22.89 -0.10
N GLU A 16 9.60 -23.00 -1.09
CA GLU A 16 9.94 -22.46 -2.40
C GLU A 16 10.18 -20.96 -2.40
N ASP A 17 9.60 -20.24 -1.44
CA ASP A 17 9.76 -18.79 -1.41
C ASP A 17 10.83 -18.33 -0.42
N ARG A 18 11.71 -19.22 0.01
CA ARG A 18 12.71 -18.84 1.03
C ARG A 18 13.56 -17.62 0.66
N THR A 19 13.97 -17.50 -0.60
CA THR A 19 14.81 -16.35 -0.96
C THR A 19 14.01 -15.05 -0.89
N LEU A 20 12.72 -15.11 -1.21
CA LEU A 20 11.86 -13.97 -0.98
C LEU A 20 11.73 -13.65 0.52
N TYR A 21 11.58 -14.67 1.36
CA TYR A 21 11.52 -14.45 2.80
C TYR A 21 12.80 -13.76 3.31
N GLU A 22 13.96 -14.13 2.78
CA GLU A 22 15.19 -13.46 3.23
C GLU A 22 15.14 -11.98 2.86
N ARG A 23 14.68 -11.64 1.66
CA ARG A 23 14.52 -10.24 1.27
C ARG A 23 13.60 -9.49 2.23
N ILE A 24 12.49 -10.09 2.58
CA ILE A 24 11.53 -9.43 3.47
C ILE A 24 12.13 -9.26 4.85
N VAL A 25 12.72 -10.31 5.40
CA VAL A 25 13.38 -10.20 6.71
C VAL A 25 14.46 -9.11 6.70
N SER A 26 15.30 -9.08 5.67
CA SER A 26 16.33 -8.04 5.57
C SER A 26 15.73 -6.64 5.60
N ARG A 27 14.64 -6.42 4.88
CA ARG A 27 14.06 -5.08 4.84
C ARG A 27 13.39 -4.74 6.17
N LEU A 28 12.75 -5.72 6.81
CA LEU A 28 12.10 -5.49 8.10
C LEU A 28 13.07 -5.03 9.19
N ARG A 29 14.34 -5.41 9.07
CA ARG A 29 15.34 -4.99 10.06
C ARG A 29 15.54 -3.48 10.09
N ARG A 30 15.11 -2.80 9.02
CA ARG A 30 15.19 -1.34 8.99
C ARG A 30 14.25 -0.69 10.00
N PHE A 31 13.26 -1.44 10.44
CA PHE A 31 12.19 -0.87 11.26
C PHE A 31 12.24 -1.35 12.71
N GLY A 32 13.12 -2.31 12.99
CA GLY A 32 13.31 -2.79 14.35
C GLY A 32 13.93 -4.17 14.36
N THR A 33 13.84 -4.86 15.49
CA THR A 33 14.40 -6.18 15.63
C THR A 33 13.46 -7.23 15.08
N VAL A 34 13.96 -8.05 14.15
CA VAL A 34 13.17 -9.15 13.64
C VAL A 34 13.38 -10.40 14.52
N LEU A 35 12.31 -10.93 15.08
CA LEU A 35 12.43 -12.00 16.08
C LEU A 35 12.49 -13.40 15.47
N THR A 36 12.08 -13.53 14.21
CA THR A 36 11.91 -14.84 13.58
C THR A 36 12.76 -15.10 12.32
N GLU A 37 14.04 -14.77 12.40
CA GLU A 37 14.90 -14.95 11.23
CA GLU A 37 15.01 -14.99 11.33
C GLU A 37 14.98 -16.41 10.76
N HIS A 38 14.57 -17.36 11.60
CA HIS A 38 14.59 -18.78 11.21
C HIS A 38 13.78 -19.08 9.95
N VAL A 39 12.76 -18.28 9.65
CA VAL A 39 11.92 -18.55 8.48
C VAL A 39 12.74 -18.50 7.19
N ALA A 40 13.77 -17.64 7.19
CA ALA A 40 14.59 -17.44 6.00
C ALA A 40 15.92 -18.21 6.05
N ALA A 41 16.19 -18.88 7.17
CA ALA A 41 17.43 -19.64 7.33
C ALA A 41 17.50 -20.81 6.35
N GLY A 48 17.04 -32.00 12.87
CA GLY A 48 17.41 -30.62 13.16
C GLY A 48 16.37 -29.92 14.02
N GLU A 49 15.22 -30.57 14.19
CA GLU A 49 14.14 -29.97 14.96
C GLU A 49 14.36 -30.24 16.47
N GLU A 50 15.00 -31.36 16.79
CA GLU A 50 15.39 -31.61 18.18
C GLU A 50 16.57 -30.70 18.57
N ALA A 51 17.42 -30.35 17.61
CA ALA A 51 18.47 -29.36 17.85
C ALA A 51 17.88 -27.99 18.20
N ALA A 52 16.63 -27.77 17.78
CA ALA A 52 15.92 -26.54 18.08
C ALA A 52 15.17 -26.64 19.40
N GLY A 53 15.23 -27.83 20.01
CA GLY A 53 14.59 -28.06 21.30
C GLY A 53 13.32 -28.88 21.22
N GLY A 54 12.95 -29.34 20.03
CA GLY A 54 11.74 -30.12 19.84
C GLY A 54 10.55 -29.25 19.51
N ASP A 55 9.45 -29.85 19.01
CA ASP A 55 8.33 -29.05 18.50
C ASP A 55 7.64 -28.22 19.61
N ARG A 56 7.48 -28.78 20.81
CA ARG A 56 6.83 -28.01 21.88
C ARG A 56 7.63 -26.75 22.23
N LEU A 57 8.95 -26.86 22.31
CA LEU A 57 9.75 -25.69 22.64
C LEU A 57 9.82 -24.70 21.47
N ILE A 58 9.83 -25.18 20.22
CA ILE A 58 9.70 -24.28 19.06
C ILE A 58 8.42 -23.46 19.17
N HIS A 59 7.32 -24.13 19.47
CA HIS A 59 6.02 -23.45 19.58
C HIS A 59 6.05 -22.43 20.75
N GLU A 60 6.60 -22.84 21.90
CA GLU A 60 6.62 -21.95 23.05
C GLU A 60 7.49 -20.70 22.81
N GLN A 61 8.64 -20.88 22.18
CA GLN A 61 9.51 -19.75 21.89
C GLN A 61 8.83 -18.81 20.89
N ASP A 62 8.22 -19.37 19.85
CA ASP A 62 7.57 -18.52 18.88
C ASP A 62 6.41 -17.74 19.51
N LEU A 63 5.67 -18.38 20.42
CA LEU A 63 4.53 -17.69 21.05
C LEU A 63 4.99 -16.57 21.97
N GLU A 64 6.14 -16.73 22.61
CA GLU A 64 6.72 -15.66 23.41
CA GLU A 64 6.71 -15.65 23.43
C GLU A 64 7.08 -14.48 22.51
N TRP A 65 7.72 -14.77 21.38
CA TRP A 65 8.08 -13.74 20.42
C TRP A 65 6.83 -13.05 19.86
N LEU A 66 5.79 -13.82 19.56
CA LEU A 66 4.56 -13.26 19.01
C LEU A 66 3.95 -12.25 19.99
N GLN A 67 3.94 -12.59 21.28
CA GLN A 67 3.41 -11.66 22.29
C GLN A 67 4.27 -10.41 22.40
N GLN A 68 5.59 -10.55 22.24
CA GLN A 68 6.51 -9.40 22.27
C GLN A 68 6.40 -8.48 21.06
N ALA A 69 5.88 -9.00 19.96
CA ALA A 69 5.93 -8.29 18.69
C ALA A 69 5.05 -7.04 18.66
N ASP A 70 5.58 -5.98 18.07
CA ASP A 70 4.80 -4.77 17.85
C ASP A 70 4.04 -4.83 16.51
N VAL A 71 4.48 -5.69 15.61
CA VAL A 71 3.78 -5.90 14.35
C VAL A 71 4.08 -7.30 13.85
N VAL A 72 3.14 -7.89 13.12
CA VAL A 72 3.28 -9.19 12.53
C VAL A 72 3.17 -9.06 11.04
N VAL A 73 4.18 -9.55 10.32
CA VAL A 73 4.19 -9.47 8.85
C VAL A 73 4.24 -10.90 8.36
N ALA A 74 3.32 -11.28 7.48
CA ALA A 74 3.29 -12.66 6.97
C ALA A 74 3.28 -12.68 5.45
N GLU A 75 4.14 -13.51 4.85
CA GLU A 75 4.07 -13.77 3.43
C GLU A 75 3.19 -15.02 3.30
N VAL A 76 2.00 -14.83 2.71
CA VAL A 76 0.95 -15.86 2.78
C VAL A 76 0.67 -16.51 1.42
N THR A 77 1.63 -16.44 0.51
CA THR A 77 1.40 -17.04 -0.80
C THR A 77 1.42 -18.58 -0.74
N GLN A 78 2.42 -19.14 -0.06
CA GLN A 78 2.52 -20.61 0.09
C GLN A 78 1.64 -21.07 1.24
N PRO A 79 0.66 -21.94 0.97
CA PRO A 79 -0.19 -22.39 2.08
C PRO A 79 0.59 -23.13 3.17
N SER A 80 0.29 -22.83 4.42
CA SER A 80 1.07 -23.31 5.56
C SER A 80 0.21 -23.31 6.82
N LEU A 81 0.15 -24.46 7.51
CA LEU A 81 -0.56 -24.53 8.79
C LEU A 81 0.05 -23.61 9.83
N GLY A 82 1.38 -23.64 9.94
CA GLY A 82 2.07 -22.78 10.90
C GLY A 82 1.83 -21.29 10.71
N VAL A 83 1.92 -20.81 9.47
CA VAL A 83 1.67 -19.39 9.19
C VAL A 83 0.22 -19.04 9.56
N GLY A 84 -0.73 -19.87 9.15
CA GLY A 84 -2.11 -19.61 9.51
C GLY A 84 -2.30 -19.61 11.03
N TYR A 85 -1.68 -20.56 11.74
CA TYR A 85 -1.74 -20.62 13.18
C TYR A 85 -1.18 -19.37 13.84
N GLU A 86 -0.04 -18.90 13.35
CA GLU A 86 0.56 -17.67 13.87
C GLU A 86 -0.39 -16.48 13.66
N LEU A 87 -1.03 -16.40 12.50
CA LEU A 87 -1.98 -15.34 12.25
C LEU A 87 -3.20 -15.41 13.14
N GLY A 88 -3.68 -16.62 13.41
CA GLY A 88 -4.81 -16.81 14.33
C GLY A 88 -4.47 -16.35 15.74
N ARG A 89 -3.30 -16.78 16.22
CA ARG A 89 -2.84 -16.34 17.53
C ARG A 89 -2.64 -14.80 17.54
N ALA A 90 -2.11 -14.25 16.45
CA ALA A 90 -1.88 -12.80 16.36
C ALA A 90 -3.19 -12.01 16.40
N VAL A 91 -4.23 -12.51 15.71
CA VAL A 91 -5.52 -11.82 15.73
C VAL A 91 -6.10 -11.88 17.12
N ALA A 92 -5.98 -13.02 17.80
CA ALA A 92 -6.49 -13.07 19.17
C ALA A 92 -5.71 -12.20 20.16
N PHE A 93 -4.43 -11.98 19.89
CA PHE A 93 -3.62 -11.00 20.63
C PHE A 93 -3.87 -9.55 20.15
N ASN A 94 -4.74 -9.36 19.16
CA ASN A 94 -5.07 -8.03 18.62
C ASN A 94 -3.85 -7.29 18.08
N LYS A 95 -2.98 -8.00 17.41
CA LYS A 95 -1.80 -7.39 16.81
C LYS A 95 -2.08 -6.61 15.54
N ARG A 96 -1.22 -5.63 15.28
CA ARG A 96 -1.09 -5.01 13.98
C ARG A 96 -0.50 -6.04 13.01
N ILE A 97 -1.18 -6.31 11.89
CA ILE A 97 -0.85 -7.42 11.00
C ILE A 97 -0.86 -6.97 9.55
N LEU A 98 0.21 -7.29 8.83
CA LEU A 98 0.26 -7.10 7.39
C LEU A 98 0.53 -8.43 6.74
N CYS A 99 -0.36 -8.86 5.83
CA CYS A 99 -0.12 -10.05 5.01
C CYS A 99 0.19 -9.64 3.59
N LEU A 100 1.11 -10.37 2.97
CA LEU A 100 1.58 -10.10 1.63
C LEU A 100 1.34 -11.32 0.76
N PHE A 101 0.62 -11.14 -0.35
CA PHE A 101 0.20 -12.26 -1.20
C PHE A 101 0.53 -11.97 -2.65
N ARG A 102 1.06 -12.96 -3.39
CA ARG A 102 1.38 -12.77 -4.81
C ARG A 102 0.41 -13.47 -5.76
N PRO A 103 -0.51 -12.72 -6.36
CA PRO A 103 -1.45 -13.34 -7.30
C PRO A 103 -0.75 -13.96 -8.51
N GLN A 104 0.47 -13.54 -8.83
CA GLN A 104 1.16 -14.09 -10.00
C GLN A 104 1.54 -15.53 -9.77
N SER A 105 1.48 -15.96 -8.51
CA SER A 105 1.73 -17.35 -8.15
C SER A 105 0.78 -18.30 -8.83
N GLY A 106 -0.42 -17.83 -9.21
CA GLY A 106 -1.44 -18.69 -9.77
C GLY A 106 -2.46 -19.13 -8.74
N ARG A 107 -2.18 -18.83 -7.47
CA ARG A 107 -3.08 -19.24 -6.40
C ARG A 107 -4.18 -18.23 -6.10
N VAL A 108 -5.24 -18.71 -5.48
CA VAL A 108 -6.26 -17.85 -4.84
C VAL A 108 -6.07 -17.93 -3.33
N LEU A 109 -5.90 -16.79 -2.67
CA LEU A 109 -5.64 -16.79 -1.23
C LEU A 109 -6.83 -17.29 -0.42
N SER A 110 -6.54 -18.14 0.57
CA SER A 110 -7.50 -18.54 1.62
C SER A 110 -8.53 -17.48 1.97
N ALA A 111 -9.80 -17.86 1.98
CA ALA A 111 -10.86 -16.93 2.36
C ALA A 111 -10.71 -16.57 3.83
N MET A 112 -10.09 -17.42 4.64
CA MET A 112 -9.96 -17.10 6.06
C MET A 112 -8.98 -15.97 6.25
N ILE A 113 -7.92 -15.90 5.43
CA ILE A 113 -6.94 -14.85 5.60
C ILE A 113 -7.43 -13.58 4.91
N ARG A 114 -7.89 -13.68 3.67
CA ARG A 114 -8.46 -12.51 2.98
C ARG A 114 -9.63 -11.97 3.81
N GLY A 115 -10.45 -12.84 4.38
CA GLY A 115 -11.65 -12.42 5.08
C GLY A 115 -11.44 -11.93 6.51
N ALA A 116 -10.29 -12.23 7.10
CA ALA A 116 -9.91 -11.75 8.43
C ALA A 116 -9.53 -10.28 8.41
N ALA A 117 -9.14 -9.78 7.24
CA ALA A 117 -8.66 -8.41 7.10
C ALA A 117 -9.77 -7.42 7.33
N ASP A 118 -9.46 -6.30 7.98
CA ASP A 118 -10.40 -5.21 8.09
C ASP A 118 -9.93 -3.96 7.34
N GLY A 119 -8.76 -4.07 6.68
CA GLY A 119 -8.26 -2.99 5.87
C GLY A 119 -7.54 -1.88 6.62
N SER A 120 -7.43 -2.01 7.93
CA SER A 120 -6.70 -1.02 8.74
C SER A 120 -5.69 -1.74 9.63
N ARG A 121 -6.15 -2.34 10.72
CA ARG A 121 -5.24 -3.01 11.64
C ARG A 121 -4.74 -4.36 11.10
N PHE A 122 -5.56 -5.05 10.31
CA PHE A 122 -5.19 -6.34 9.67
C PHE A 122 -5.37 -6.04 8.19
N GLN A 123 -4.27 -5.93 7.44
CA GLN A 123 -4.35 -5.69 5.99
C GLN A 123 -3.74 -6.84 5.21
N VAL A 124 -4.32 -7.10 4.03
CA VAL A 124 -3.76 -8.05 3.07
C VAL A 124 -3.46 -7.31 1.78
N TRP A 125 -2.21 -7.32 1.36
CA TRP A 125 -1.80 -6.63 0.14
C TRP A 125 -1.34 -7.61 -0.91
N ASP A 126 -1.99 -7.58 -2.07
CA ASP A 126 -1.51 -8.27 -3.26
C ASP A 126 -0.30 -7.51 -3.81
N TYR A 127 0.74 -8.24 -4.19
CA TYR A 127 1.93 -7.59 -4.71
C TYR A 127 2.67 -8.50 -5.68
N GLU A 128 3.60 -7.92 -6.41
CA GLU A 128 4.50 -8.70 -7.27
C GLU A 128 5.91 -8.65 -6.66
N GLU A 129 6.68 -9.72 -6.85
CA GLU A 129 7.91 -9.90 -6.05
C GLU A 129 8.90 -8.72 -6.07
N GLY A 130 9.03 -8.01 -7.19
CA GLY A 130 10.02 -6.97 -7.31
C GLY A 130 9.83 -5.78 -6.38
N GLU A 131 8.59 -5.52 -5.98
CA GLU A 131 8.27 -4.28 -5.27
C GLU A 131 8.16 -4.45 -3.75
N VAL A 132 8.47 -5.62 -3.23
CA VAL A 132 8.14 -5.88 -1.83
C VAL A 132 8.87 -4.90 -0.88
N GLU A 133 10.12 -4.56 -1.16
CA GLU A 133 10.87 -3.63 -0.30
C GLU A 133 10.20 -2.25 -0.28
N ALA A 134 9.79 -1.75 -1.43
CA ALA A 134 9.14 -0.44 -1.52
C ALA A 134 7.77 -0.45 -0.81
N LEU A 135 7.06 -1.56 -0.86
CA LEU A 135 5.78 -1.65 -0.15
C LEU A 135 5.96 -1.66 1.36
N LEU A 136 6.98 -2.35 1.86
CA LEU A 136 7.26 -2.32 3.29
C LEU A 136 7.63 -0.90 3.72
N ASP A 137 8.45 -0.21 2.92
CA ASP A 137 8.81 1.16 3.25
C ASP A 137 7.55 2.02 3.36
N ARG A 138 6.65 1.86 2.41
CA ARG A 138 5.40 2.62 2.34
C ARG A 138 4.55 2.39 3.58
N TYR A 139 4.44 1.12 3.96
CA TYR A 139 3.62 0.70 5.09
C TYR A 139 4.08 1.36 6.37
N PHE A 140 5.39 1.34 6.64
CA PHE A 140 5.86 1.93 7.88
C PHE A 140 6.07 3.44 7.80
N GLU A 141 6.18 4.01 6.60
CA GLU A 141 6.23 5.46 6.47
C GLU A 141 4.88 6.09 6.81
N ALA A 142 3.80 5.46 6.35
CA ALA A 142 2.45 5.95 6.59
C ALA A 142 2.03 5.78 8.04
N ASP A 143 2.46 4.69 8.66
CA ASP A 143 2.11 4.41 10.04
C ASP A 143 3.33 3.85 10.77
N PRO A 144 4.14 4.75 11.32
CA PRO A 144 5.41 4.34 11.93
C PRO A 144 5.19 3.32 13.04
N LEU A 145 6.16 2.45 13.19
CA LEU A 145 6.04 1.36 14.12
C LEU A 145 6.23 1.86 15.54
N GLU A 146 5.25 1.56 16.38
CA GLU A 146 5.26 1.93 17.78
C GLU A 146 5.59 0.73 18.65
N HIS A 147 6.47 0.91 19.62
CA HIS A 147 6.77 -0.17 20.57
C HIS A 147 5.89 -0.09 21.81
N ARG B 2 -22.41 13.50 0.31
CA ARG B 2 -21.25 12.68 -0.10
C ARG B 2 -19.94 13.47 -0.06
N PRO B 3 -18.84 12.77 0.24
CA PRO B 3 -17.53 13.43 0.19
C PRO B 3 -17.23 13.89 -1.22
N ALA B 4 -16.26 14.79 -1.36
CA ALA B 4 -15.88 15.32 -2.66
C ALA B 4 -14.44 14.97 -2.95
N LEU B 5 -14.18 14.51 -4.18
CA LEU B 5 -12.84 14.15 -4.61
C LEU B 5 -12.39 15.02 -5.77
N TYR B 6 -11.13 15.42 -5.77
CA TYR B 6 -10.56 16.22 -6.86
C TYR B 6 -9.49 15.37 -7.55
N PHE B 7 -9.73 15.05 -8.82
CA PHE B 7 -8.78 14.28 -9.60
C PHE B 7 -7.95 15.19 -10.53
N CYS B 8 -6.64 14.99 -10.55
CA CYS B 8 -5.72 15.74 -11.40
C CYS B 8 -5.02 14.84 -12.40
N GLY B 9 -4.92 15.27 -13.65
CA GLY B 9 -4.17 14.54 -14.68
C GLY B 9 -3.84 15.49 -15.82
N SER B 10 -2.74 15.23 -16.51
CA SER B 10 -2.27 16.10 -17.60
C SER B 10 -3.30 16.27 -18.70
N ILE B 11 -3.44 17.51 -19.18
CA ILE B 11 -4.24 17.80 -20.36
C ILE B 11 -3.33 18.46 -21.40
N ARG B 12 -3.00 19.75 -21.22
CA ARG B 12 -2.10 20.38 -22.17
C ARG B 12 -0.65 19.91 -22.01
N GLY B 13 -0.33 19.29 -20.88
CA GLY B 13 0.96 18.61 -20.77
C GLY B 13 1.06 17.37 -21.66
N GLY B 14 -0.08 16.87 -22.15
CA GLY B 14 -0.12 15.68 -23.02
C GLY B 14 -1.18 14.73 -22.50
N ARG B 15 -1.91 14.09 -23.42
CA ARG B 15 -3.07 13.28 -23.01
C ARG B 15 -2.86 11.78 -23.18
N GLU B 16 -1.60 11.34 -23.19
CA GLU B 16 -1.26 9.92 -23.40
C GLU B 16 -1.99 8.97 -22.44
N ASP B 17 -2.21 9.43 -21.20
CA ASP B 17 -2.76 8.56 -20.17
C ASP B 17 -4.25 8.74 -19.95
N ARG B 18 -4.96 9.33 -20.91
CA ARG B 18 -6.37 9.64 -20.71
C ARG B 18 -7.23 8.44 -20.37
N THR B 19 -6.99 7.30 -20.99
CA THR B 19 -7.80 6.10 -20.73
C THR B 19 -7.61 5.63 -19.28
N LEU B 20 -6.40 5.76 -18.78
CA LEU B 20 -6.12 5.49 -17.37
C LEU B 20 -6.84 6.49 -16.46
N TYR B 21 -6.84 7.76 -16.84
CA TYR B 21 -7.57 8.77 -16.06
C TYR B 21 -9.06 8.40 -15.98
N GLU B 22 -9.60 7.98 -17.10
CA GLU B 22 -10.97 7.50 -17.18
CA GLU B 22 -10.98 7.48 -17.17
C GLU B 22 -11.26 6.41 -16.12
N ARG B 23 -10.39 5.41 -16.06
CA ARG B 23 -10.51 4.34 -15.06
C ARG B 23 -10.41 4.85 -13.63
N ILE B 24 -9.48 5.75 -13.39
CA ILE B 24 -9.27 6.26 -12.05
C ILE B 24 -10.49 7.04 -11.59
N VAL B 25 -10.96 7.97 -12.42
CA VAL B 25 -12.17 8.72 -12.12
C VAL B 25 -13.36 7.80 -11.83
N SER B 26 -13.56 6.78 -12.66
CA SER B 26 -14.67 5.87 -12.44
C SER B 26 -14.61 5.19 -11.06
N ARG B 27 -13.40 4.78 -10.66
CA ARG B 27 -13.26 4.12 -9.36
C ARG B 27 -13.41 5.10 -8.22
N LEU B 28 -12.86 6.30 -8.37
CA LEU B 28 -13.00 7.31 -7.32
C LEU B 28 -14.47 7.64 -7.01
N ARG B 29 -15.32 7.60 -8.03
CA ARG B 29 -16.74 7.92 -7.83
C ARG B 29 -17.42 6.99 -6.80
N ARG B 30 -16.90 5.78 -6.65
CA ARG B 30 -17.45 4.87 -5.64
C ARG B 30 -17.32 5.47 -4.23
N PHE B 31 -16.41 6.43 -4.06
CA PHE B 31 -16.13 6.98 -2.73
C PHE B 31 -16.69 8.38 -2.50
N GLY B 32 -17.16 9.02 -3.57
CA GLY B 32 -17.78 10.32 -3.44
C GLY B 32 -17.86 11.01 -4.78
N THR B 33 -18.24 12.28 -4.78
CA THR B 33 -18.39 13.05 -6.01
C THR B 33 -17.02 13.43 -6.57
N VAL B 34 -16.75 13.08 -7.83
CA VAL B 34 -15.50 13.46 -8.48
C VAL B 34 -15.72 14.77 -9.22
N LEU B 35 -15.23 15.87 -8.65
CA LEU B 35 -15.59 17.19 -9.14
C LEU B 35 -15.01 17.49 -10.53
N THR B 36 -13.88 16.88 -10.84
CA THR B 36 -13.14 17.16 -12.07
C THR B 36 -13.30 16.06 -13.09
N GLU B 37 -14.43 15.35 -13.06
CA GLU B 37 -14.57 14.12 -13.84
C GLU B 37 -14.41 14.23 -15.37
N HIS B 38 -14.07 15.39 -15.91
CA HIS B 38 -13.65 15.38 -17.30
C HIS B 38 -12.26 15.98 -17.56
N VAL B 39 -11.32 15.64 -16.69
CA VAL B 39 -9.91 15.56 -17.09
C VAL B 39 -9.82 14.37 -18.03
N ALA B 40 -10.83 13.50 -17.96
CA ALA B 40 -10.84 12.24 -18.69
C ALA B 40 -11.58 12.25 -20.04
N ALA B 41 -12.30 13.33 -20.35
CA ALA B 41 -13.10 13.36 -21.58
C ALA B 41 -12.29 13.39 -22.88
N ALA B 42 -12.67 12.59 -23.87
CA ALA B 42 -11.88 12.46 -25.11
C ALA B 42 -11.83 13.75 -25.92
N GLU B 43 -12.95 14.44 -26.01
CA GLU B 43 -12.98 15.66 -26.80
C GLU B 43 -13.02 16.82 -25.83
N LEU B 44 -11.84 17.38 -25.60
CA LEU B 44 -11.63 18.44 -24.63
C LEU B 44 -10.96 19.63 -25.28
N GLY B 54 -11.34 31.27 -22.31
CA GLY B 54 -11.78 31.36 -20.93
C GLY B 54 -10.92 30.55 -19.97
N ASP B 55 -9.61 30.73 -20.06
CA ASP B 55 -8.72 30.05 -19.14
C ASP B 55 -8.96 30.55 -17.71
N ARG B 56 -9.31 31.82 -17.57
CA ARG B 56 -9.63 32.38 -16.26
C ARG B 56 -10.83 31.66 -15.63
N LEU B 57 -11.87 31.43 -16.43
CA LEU B 57 -13.05 30.72 -15.94
C LEU B 57 -12.72 29.30 -15.51
N ILE B 58 -11.88 28.63 -16.30
CA ILE B 58 -11.43 27.28 -15.95
C ILE B 58 -10.71 27.29 -14.60
N HIS B 59 -9.74 28.20 -14.46
CA HIS B 59 -8.97 28.27 -13.22
C HIS B 59 -9.88 28.55 -12.00
N GLU B 60 -10.81 29.50 -12.15
CA GLU B 60 -11.66 29.85 -11.02
C GLU B 60 -12.58 28.70 -10.62
N GLN B 61 -13.20 28.04 -11.60
CA GLN B 61 -14.04 26.89 -11.25
C GLN B 61 -13.23 25.75 -10.62
N ASP B 62 -12.05 25.48 -11.16
CA ASP B 62 -11.22 24.42 -10.60
C ASP B 62 -10.81 24.76 -9.16
N LEU B 63 -10.47 26.03 -8.93
CA LEU B 63 -10.04 26.42 -7.60
C LEU B 63 -11.18 26.34 -6.58
N GLU B 64 -12.41 26.61 -7.02
CA GLU B 64 -13.57 26.41 -6.16
C GLU B 64 -13.69 24.95 -5.75
N TRP B 65 -13.59 24.07 -6.76
CA TRP B 65 -13.65 22.64 -6.53
C TRP B 65 -12.53 22.18 -5.61
N LEU B 66 -11.32 22.68 -5.83
CA LEU B 66 -10.19 22.20 -5.04
C LEU B 66 -10.39 22.51 -3.55
N GLN B 67 -10.92 23.69 -3.25
CA GLN B 67 -11.18 24.05 -1.85
C GLN B 67 -12.27 23.20 -1.22
N GLN B 68 -13.25 22.77 -2.01
CA GLN B 68 -14.29 21.94 -1.43
C GLN B 68 -13.89 20.48 -1.28
N ALA B 69 -12.80 20.09 -1.91
CA ALA B 69 -12.45 18.67 -1.95
C ALA B 69 -11.99 18.13 -0.59
N ASP B 70 -12.42 16.91 -0.29
CA ASP B 70 -11.97 16.21 0.92
C ASP B 70 -10.68 15.44 0.67
N VAL B 71 -10.36 15.18 -0.60
CA VAL B 71 -9.14 14.50 -0.95
C VAL B 71 -8.76 14.86 -2.39
N VAL B 72 -7.46 14.88 -2.67
CA VAL B 72 -6.94 15.17 -3.99
C VAL B 72 -6.17 13.94 -4.45
N VAL B 73 -6.50 13.42 -5.63
CA VAL B 73 -5.80 12.29 -6.22
C VAL B 73 -5.24 12.74 -7.57
N ALA B 74 -3.94 12.56 -7.75
CA ALA B 74 -3.27 13.03 -8.97
C ALA B 74 -2.51 11.90 -9.64
N GLU B 75 -2.74 11.69 -10.93
CA GLU B 75 -1.90 10.80 -11.69
C GLU B 75 -0.77 11.67 -12.27
N VAL B 76 0.45 11.44 -11.77
CA VAL B 76 1.56 12.34 -12.04
C VAL B 76 2.63 11.76 -12.96
N THR B 77 2.28 10.74 -13.75
CA THR B 77 3.25 10.17 -14.68
C THR B 77 3.62 11.13 -15.82
N GLN B 78 2.62 11.79 -16.41
CA GLN B 78 2.90 12.77 -17.46
C GLN B 78 3.18 14.15 -16.86
N PRO B 79 4.36 14.74 -17.16
CA PRO B 79 4.61 16.07 -16.58
C PRO B 79 3.63 17.14 -17.08
N SER B 80 3.19 18.01 -16.16
CA SER B 80 2.10 18.94 -16.44
C SER B 80 2.18 20.11 -15.52
N LEU B 81 2.16 21.32 -16.07
CA LEU B 81 2.13 22.52 -15.22
C LEU B 81 0.86 22.58 -14.39
N GLY B 82 -0.27 22.28 -15.00
CA GLY B 82 -1.53 22.39 -14.28
C GLY B 82 -1.66 21.41 -13.15
N VAL B 83 -1.24 20.17 -13.37
CA VAL B 83 -1.27 19.18 -12.29
C VAL B 83 -0.34 19.64 -11.14
N GLY B 84 0.87 20.10 -11.48
CA GLY B 84 1.77 20.60 -10.44
C GLY B 84 1.15 21.76 -9.68
N TYR B 85 0.51 22.67 -10.39
CA TYR B 85 -0.13 23.84 -9.80
C TYR B 85 -1.23 23.42 -8.83
N GLU B 86 -2.07 22.48 -9.27
CA GLU B 86 -3.12 21.95 -8.42
C GLU B 86 -2.55 21.34 -7.14
N LEU B 87 -1.44 20.62 -7.27
CA LEU B 87 -0.82 20.02 -6.10
C LEU B 87 -0.24 21.09 -5.18
N GLY B 88 0.33 22.15 -5.75
CA GLY B 88 0.86 23.23 -4.93
C GLY B 88 -0.24 23.94 -4.15
N ARG B 89 -1.33 24.25 -4.84
CA ARG B 89 -2.47 24.86 -4.16
C ARG B 89 -3.04 23.90 -3.12
N ALA B 90 -3.06 22.62 -3.45
CA ALA B 90 -3.61 21.62 -2.51
C ALA B 90 -2.76 21.51 -1.24
N VAL B 91 -1.44 21.52 -1.38
CA VAL B 91 -0.58 21.46 -0.22
C VAL B 91 -0.79 22.70 0.65
N ALA B 92 -0.91 23.87 0.04
CA ALA B 92 -1.12 25.08 0.82
C ALA B 92 -2.47 25.10 1.53
N PHE B 93 -3.47 24.46 0.94
CA PHE B 93 -4.78 24.23 1.60
C PHE B 93 -4.72 23.08 2.64
N ASN B 94 -3.55 22.46 2.76
CA ASN B 94 -3.32 21.26 3.57
C ASN B 94 -4.35 20.15 3.32
N LYS B 95 -4.51 19.81 2.04
CA LYS B 95 -5.40 18.73 1.65
C LYS B 95 -4.73 17.37 1.85
N ARG B 96 -5.54 16.35 2.07
CA ARG B 96 -5.14 14.96 1.93
C ARG B 96 -4.87 14.68 0.45
N ILE B 97 -3.68 14.18 0.13
CA ILE B 97 -3.23 14.05 -1.25
C ILE B 97 -2.62 12.68 -1.50
N LEU B 98 -3.08 12.06 -2.58
CA LEU B 98 -2.47 10.81 -3.09
C LEU B 98 -2.01 11.01 -4.52
N CYS B 99 -0.73 10.81 -4.79
CA CYS B 99 -0.21 10.84 -6.16
C CYS B 99 0.15 9.44 -6.60
N LEU B 100 -0.17 9.15 -7.86
CA LEU B 100 0.06 7.87 -8.49
C LEU B 100 1.01 8.02 -9.68
N PHE B 101 2.10 7.25 -9.68
CA PHE B 101 3.16 7.36 -10.66
C PHE B 101 3.49 5.98 -11.23
N ARG B 102 3.70 5.88 -12.55
CA ARG B 102 4.03 4.58 -13.17
C ARG B 102 5.50 4.52 -13.59
N PRO B 103 6.34 3.77 -12.86
CA PRO B 103 7.75 3.65 -13.23
C PRO B 103 7.99 3.01 -14.59
N GLN B 104 7.03 2.24 -15.10
CA GLN B 104 7.27 1.55 -16.37
C GLN B 104 7.30 2.50 -17.56
N SER B 105 6.94 3.75 -17.34
CA SER B 105 7.04 4.81 -18.35
C SER B 105 8.50 5.08 -18.73
N GLY B 106 9.41 4.68 -17.85
CA GLY B 106 10.83 4.94 -18.04
C GLY B 106 11.28 6.25 -17.46
N ARG B 107 10.31 7.13 -17.20
CA ARG B 107 10.59 8.47 -16.67
C ARG B 107 10.85 8.41 -15.18
N VAL B 108 11.50 9.43 -14.66
CA VAL B 108 11.71 9.56 -13.24
C VAL B 108 10.86 10.74 -12.74
N LEU B 109 10.06 10.54 -11.71
CA LEU B 109 9.19 11.59 -11.17
C LEU B 109 9.95 12.77 -10.58
N SER B 110 9.50 13.98 -10.94
CA SER B 110 9.90 15.21 -10.29
C SER B 110 10.32 15.06 -8.83
N ALA B 111 11.52 15.54 -8.50
CA ALA B 111 11.95 15.60 -7.10
C ALA B 111 11.04 16.47 -6.27
N MET B 112 10.41 17.48 -6.87
CA MET B 112 9.54 18.36 -6.11
C MET B 112 8.28 17.64 -5.63
N ILE B 113 7.71 16.80 -6.48
CA ILE B 113 6.49 16.09 -6.10
C ILE B 113 6.84 14.95 -5.13
N ARG B 114 7.86 14.16 -5.43
CA ARG B 114 8.20 13.10 -4.48
C ARG B 114 8.69 13.70 -3.17
N GLY B 115 9.40 14.83 -3.24
CA GLY B 115 9.91 15.48 -2.04
C GLY B 115 8.85 16.17 -1.20
N ALA B 116 7.71 16.51 -1.80
CA ALA B 116 6.62 17.14 -1.06
C ALA B 116 5.87 16.16 -0.18
N ALA B 117 5.99 14.87 -0.49
CA ALA B 117 5.32 13.83 0.27
C ALA B 117 5.88 13.70 1.67
N ASP B 118 5.01 13.43 2.63
CA ASP B 118 5.45 13.13 3.98
C ASP B 118 5.12 11.68 4.32
N GLY B 119 4.57 10.98 3.35
CA GLY B 119 4.31 9.57 3.49
C GLY B 119 3.05 9.25 4.29
N SER B 120 2.29 10.24 4.69
CA SER B 120 1.00 9.99 5.36
C SER B 120 -0.13 10.84 4.75
N ARG B 121 -0.14 12.12 5.07
CA ARG B 121 -1.16 13.02 4.52
C ARG B 121 -0.94 13.28 3.02
N PHE B 122 0.31 13.29 2.59
CA PHE B 122 0.71 13.42 1.18
C PHE B 122 1.53 12.17 0.88
N GLN B 123 0.99 11.27 0.05
CA GLN B 123 1.70 10.07 -0.35
C GLN B 123 1.87 10.01 -1.84
N VAL B 124 2.99 9.41 -2.26
CA VAL B 124 3.25 9.10 -3.66
C VAL B 124 3.45 7.61 -3.80
N TRP B 125 2.58 6.97 -4.61
CA TRP B 125 2.65 5.53 -4.83
C TRP B 125 3.04 5.20 -6.26
N ASP B 126 4.11 4.43 -6.39
CA ASP B 126 4.48 3.83 -7.67
C ASP B 126 3.55 2.64 -7.94
N TYR B 127 3.08 2.51 -9.18
CA TYR B 127 2.17 1.40 -9.50
C TYR B 127 2.25 0.97 -10.97
N GLU B 128 1.72 -0.21 -11.30
CA GLU B 128 1.51 -0.54 -12.72
C GLU B 128 0.03 -0.50 -13.03
N GLU B 129 -0.28 -0.25 -14.30
CA GLU B 129 -1.64 0.14 -14.69
C GLU B 129 -2.72 -0.84 -14.24
N GLY B 130 -2.43 -2.14 -14.27
CA GLY B 130 -3.47 -3.12 -13.98
C GLY B 130 -4.05 -3.08 -12.57
N GLU B 131 -3.29 -2.58 -11.61
CA GLU B 131 -3.68 -2.69 -10.20
C GLU B 131 -4.30 -1.41 -9.65
N VAL B 132 -4.51 -0.39 -10.49
CA VAL B 132 -4.84 0.92 -9.92
C VAL B 132 -6.19 0.93 -9.18
N GLU B 133 -7.17 0.19 -9.66
CA GLU B 133 -8.43 0.12 -8.93
C GLU B 133 -8.28 -0.51 -7.54
N ALA B 134 -7.50 -1.58 -7.47
CA ALA B 134 -7.30 -2.24 -6.19
C ALA B 134 -6.54 -1.34 -5.22
N LEU B 135 -5.63 -0.53 -5.74
CA LEU B 135 -4.90 0.39 -4.89
C LEU B 135 -5.80 1.48 -4.32
N LEU B 136 -6.71 2.01 -5.15
CA LEU B 136 -7.66 3.00 -4.67
C LEU B 136 -8.58 2.40 -3.59
N ASP B 137 -9.05 1.18 -3.81
CA ASP B 137 -9.83 0.50 -2.78
C ASP B 137 -9.07 0.42 -1.46
N ARG B 138 -7.80 0.04 -1.55
CA ARG B 138 -6.94 -0.11 -0.37
C ARG B 138 -6.82 1.22 0.39
N TYR B 139 -6.57 2.28 -0.37
CA TYR B 139 -6.32 3.61 0.17
C TYR B 139 -7.51 4.10 0.99
N PHE B 140 -8.71 3.92 0.44
CA PHE B 140 -9.88 4.45 1.12
C PHE B 140 -10.43 3.51 2.20
N GLU B 141 -10.11 2.22 2.15
CA GLU B 141 -10.51 1.36 3.26
C GLU B 141 -9.64 1.61 4.50
N ALA B 142 -8.38 1.93 4.28
CA ALA B 142 -7.46 2.23 5.39
C ALA B 142 -7.82 3.54 6.12
N ASP B 143 -8.27 4.55 5.37
CA ASP B 143 -8.77 5.81 5.93
C ASP B 143 -9.97 6.28 5.14
N PRO B 144 -11.18 5.87 5.55
CA PRO B 144 -12.39 6.23 4.80
C PRO B 144 -12.66 7.74 4.77
N LEU B 145 -13.27 8.20 3.68
CA LEU B 145 -13.87 9.53 3.61
C LEU B 145 -15.27 9.46 4.19
N GLU B 146 -15.58 10.27 5.18
CA GLU B 146 -16.90 10.18 5.80
C GLU B 146 -17.85 11.30 5.36
C1 N6P C . 11.08 -26.09 11.89
C2 N6P C . 11.87 -27.18 11.48
C3 N6P C . 11.40 -28.04 10.48
C4 N6P C . 12.16 -29.13 10.07
C5 N6P C . 13.41 -29.37 10.65
C6 N6P C . 13.88 -28.52 11.64
C7 N6P C . 13.11 -27.42 12.06
C8 N6P C . 13.59 -26.56 13.04
C9 N6P C . 12.82 -25.47 13.44
C10 N6P C . 11.53 -25.28 12.92
C11 N6P C . 10.74 -24.05 13.28
N1 N6P C . 11.34 -23.10 14.04
C12 N6P C . 10.77 -21.95 14.36
N2 N6P C . 9.55 -21.61 13.93
C13 N6P C . 8.89 -22.48 13.12
C14 N6P C . 9.46 -23.72 12.77
N3 N6P C . 8.54 -24.37 11.99
C15 N6P C . 7.50 -23.54 11.86
N4 N6P C . 7.67 -22.39 12.54
C16 N6P C . 6.90 -21.20 12.57
O1 N6P C . 5.62 -21.53 11.71
C17 N6P C . 7.53 -20.25 11.76
O2 N6P C . 7.73 -18.95 12.46
C18 N6P C . 6.81 -19.98 10.39
O3 N6P C . 6.36 -18.69 10.15
C19 N6P C . 5.65 -21.00 10.45
C20 N6P C . 5.91 -22.09 9.42
O4 N6P C . 4.89 -23.10 9.59
P1 N6P C . 4.95 -24.46 8.71
O5 N6P C . 4.93 -24.07 7.24
O6 N6P C . 6.18 -25.20 9.05
O7 N6P C . 3.66 -25.19 9.10
C1 N6P D . -10.76 23.46 -20.66
C2 N6P D . -10.83 23.76 -22.02
C3 N6P D . -11.93 24.46 -22.51
C4 N6P D . -12.01 24.74 -23.87
C5 N6P D . -11.00 24.33 -24.74
C6 N6P D . -9.89 23.63 -24.24
C7 N6P D . -9.81 23.35 -22.88
C8 N6P D . -8.71 22.66 -22.40
C9 N6P D . -8.63 22.39 -21.04
C10 N6P D . -9.65 22.82 -20.17
C11 N6P D . -9.56 22.48 -18.70
N1 N6P D . -10.70 22.29 -17.98
C12 N6P D . -10.69 21.97 -16.70
N2 N6P D . -9.56 21.79 -16.00
C13 N6P D . -8.39 21.93 -16.65
C14 N6P D . -8.33 22.30 -18.01
N3 N6P D . -7.02 22.39 -18.35
C15 N6P D . -6.31 22.09 -17.22
N4 N6P D . -7.11 21.81 -16.17
C16 N6P D . -6.80 21.36 -14.88
O1 N6P D . -5.21 21.27 -14.83
C17 N6P D . -7.15 20.02 -14.77
O2 N6P D . -7.94 19.69 -13.57
C18 N6P D . -5.92 19.02 -14.77
O3 N6P D . -5.78 18.18 -13.68
C19 N6P D . -4.73 19.99 -14.96
C20 N6P D . -4.14 19.77 -16.35
O4 N6P D . -3.12 20.78 -16.54
P1 N6P D . -2.38 20.93 -17.95
O5 N6P D . -1.35 22.00 -17.68
O6 N6P D . -1.76 19.60 -18.28
O7 N6P D . -3.41 21.31 -19.00
CA CA E . -11.58 9.34 7.74
#